data_3KV1
#
_entry.id   3KV1
#
_cell.length_a   129.382
_cell.length_b   43.474
_cell.length_c   47.536
_cell.angle_alpha   90.00
_cell.angle_beta   104.15
_cell.angle_gamma   90.00
#
_symmetry.space_group_name_H-M   'C 1 2 1'
#
loop_
_entity.id
_entity.type
_entity.pdbx_description
1 polymer 'Transcriptional repressor'
2 non-polymer GLYCEROL
3 water water
#
_entity_poly.entity_id   1
_entity_poly.type   'polypeptide(L)'
_entity_poly.pdbx_seq_one_letter_code
;SNAFHPVYSVQLEQKLVEKFNLKRALISLDQPNTNEQRKQVAALVSSYLNNNLQEG(MSE)AVAVGQGQNVAAVADHAGI
VTQRNARFVSAIGGTHRSGDIINADHICRRLAKKYGGSSETLYAPAYVNDPSLRSAF(MSE)EHATIKETLSQARKAEFA
LVGIGD(MSE)DENSH(MSE)VKLGFFTPKEFVEARLNDGIVGDIGGFDFFKLDGTDADTL(MSE)RGRVIGLE(MSE)E
DLRQIPNVVA(MSE)ASESRKALSI(MSE)GALRTGVIDVLATSVSCA(MSE)ALLNLAENEE
;
_entity_poly.pdbx_strand_id   A
#
# COMPACT_ATOMS: atom_id res chain seq x y z
N SER A 9 -18.41 -15.69 3.14
CA SER A 9 -17.18 -14.89 3.06
C SER A 9 -15.94 -15.77 2.95
N VAL A 10 -15.99 -16.97 3.55
CA VAL A 10 -14.90 -17.94 3.40
C VAL A 10 -14.89 -18.56 1.99
N GLN A 11 -16.08 -18.76 1.43
CA GLN A 11 -16.21 -19.21 0.05
C GLN A 11 -15.63 -18.16 -0.88
N LEU A 12 -15.87 -16.89 -0.56
CA LEU A 12 -15.33 -15.82 -1.36
C LEU A 12 -13.80 -15.85 -1.35
N GLU A 13 -13.21 -16.16 -0.19
N GLU A 13 -13.17 -16.13 -0.19
CA GLU A 13 -11.76 -16.16 -0.04
CA GLU A 13 -11.71 -16.16 -0.14
C GLU A 13 -11.11 -17.20 -0.97
C GLU A 13 -11.18 -17.17 -1.14
N GLN A 14 -11.73 -18.38 -1.05
CA GLN A 14 -11.24 -19.46 -1.89
C GLN A 14 -11.31 -19.08 -3.36
N LYS A 15 -12.43 -18.47 -3.78
CA LYS A 15 -12.59 -18.04 -5.16
C LYS A 15 -11.57 -16.95 -5.53
N LEU A 16 -11.36 -16.00 -4.62
CA LEU A 16 -10.38 -14.95 -4.85
C LEU A 16 -8.94 -15.48 -4.98
N VAL A 17 -8.58 -16.38 -4.08
CA VAL A 17 -7.27 -17.01 -4.08
C VAL A 17 -7.05 -17.71 -5.41
N GLU A 18 -8.05 -18.46 -5.85
CA GLU A 18 -7.93 -19.21 -7.09
C GLU A 18 -7.87 -18.27 -8.29
N LYS A 19 -8.74 -17.28 -8.30
CA LYS A 19 -8.86 -16.40 -9.44
C LYS A 19 -7.65 -15.48 -9.63
N PHE A 20 -7.08 -15.00 -8.52
CA PHE A 20 -6.06 -13.96 -8.60
C PHE A 20 -4.67 -14.44 -8.18
N ASN A 21 -4.51 -15.75 -8.04
CA ASN A 21 -3.22 -16.32 -7.67
C ASN A 21 -2.66 -15.72 -6.37
N LEU A 22 -3.50 -15.62 -5.34
CA LEU A 22 -3.05 -15.08 -4.08
C LEU A 22 -2.58 -16.19 -3.18
N LYS A 23 -1.83 -15.80 -2.17
CA LYS A 23 -1.55 -16.68 -1.03
C LYS A 23 -2.76 -16.74 -0.08
N ARG A 24 -3.44 -15.62 0.08
N ARG A 24 -3.42 -15.60 0.10
CA ARG A 24 -4.56 -15.52 1.02
CA ARG A 24 -4.52 -15.46 1.05
C ARG A 24 -5.41 -14.30 0.77
C ARG A 24 -5.47 -14.39 0.55
N ALA A 25 -6.71 -14.47 1.00
CA ALA A 25 -7.65 -13.37 0.89
C ALA A 25 -8.31 -13.27 2.26
N LEU A 26 -8.31 -12.06 2.80
CA LEU A 26 -8.87 -11.79 4.13
C LEU A 26 -10.11 -10.91 3.88
N ILE A 27 -11.31 -11.46 4.10
CA ILE A 27 -12.53 -10.74 3.73
C ILE A 27 -13.37 -10.38 4.94
N SER A 28 -13.65 -9.08 5.07
N SER A 28 -13.66 -9.08 5.06
CA SER A 28 -14.44 -8.58 6.20
CA SER A 28 -14.43 -8.56 6.19
C SER A 28 -15.88 -8.32 5.75
C SER A 28 -15.88 -8.30 5.75
N LEU A 29 -16.82 -8.51 6.68
CA LEU A 29 -18.22 -8.25 6.37
C LEU A 29 -18.41 -6.77 6.06
N ASP A 30 -19.40 -6.45 5.23
CA ASP A 30 -19.68 -5.06 4.91
C ASP A 30 -20.09 -4.24 6.14
N GLN A 31 -19.52 -3.04 6.22
CA GLN A 31 -19.75 -2.12 7.34
C GLN A 31 -20.51 -0.87 6.88
N PRO A 32 -21.03 -0.10 7.85
CA PRO A 32 -21.92 1.04 7.49
C PRO A 32 -21.23 2.23 6.83
N ASN A 33 -19.92 2.37 7.03
CA ASN A 33 -19.19 3.48 6.41
C ASN A 33 -17.75 3.08 6.25
N THR A 34 -17.00 3.94 5.58
CA THR A 34 -15.67 3.55 5.16
C THR A 34 -14.72 3.44 6.35
N ASN A 35 -14.90 4.30 7.34
N ASN A 35 -14.89 4.33 7.33
CA ASN A 35 -14.03 4.27 8.52
CA ASN A 35 -14.05 4.28 8.53
C ASN A 35 -14.18 2.96 9.28
C ASN A 35 -14.19 2.92 9.17
N GLU A 36 -15.43 2.50 9.40
CA GLU A 36 -15.72 1.21 10.05
C GLU A 36 -15.23 0.08 9.16
N GLN A 37 -15.41 0.23 7.86
CA GLN A 37 -14.85 -0.81 7.00
C GLN A 37 -13.34 -0.96 7.12
N ARG A 38 -12.61 0.17 7.13
N ARG A 38 -12.61 0.15 7.12
CA ARG A 38 -11.13 0.12 7.26
CA ARG A 38 -11.15 0.09 7.25
C ARG A 38 -10.70 -0.53 8.56
C ARG A 38 -10.74 -0.58 8.54
N LYS A 39 -11.47 -0.28 9.62
CA LYS A 39 -11.14 -0.88 10.91
C LYS A 39 -11.27 -2.38 10.86
N GLN A 40 -12.32 -2.86 10.18
CA GLN A 40 -12.55 -4.30 10.20
C GLN A 40 -11.56 -5.03 9.29
N VAL A 41 -11.21 -4.41 8.17
CA VAL A 41 -10.16 -4.94 7.29
C VAL A 41 -8.83 -4.94 8.05
N ALA A 42 -8.59 -3.85 8.76
CA ALA A 42 -7.34 -3.74 9.52
C ALA A 42 -7.25 -4.80 10.62
N ALA A 43 -8.41 -5.23 11.15
CA ALA A 43 -8.38 -6.26 12.20
C ALA A 43 -7.86 -7.59 11.66
N LEU A 44 -8.24 -7.91 10.43
CA LEU A 44 -7.84 -9.18 9.88
C LEU A 44 -6.36 -9.11 9.54
N VAL A 45 -5.93 -7.96 9.03
CA VAL A 45 -4.49 -7.82 8.69
C VAL A 45 -3.62 -7.87 9.95
N SER A 46 -4.10 -7.25 11.04
N SER A 46 -4.10 -7.24 11.03
CA SER A 46 -3.37 -7.22 12.33
CA SER A 46 -3.39 -7.22 12.30
C SER A 46 -3.11 -8.64 12.84
C SER A 46 -3.13 -8.63 12.83
N SER A 47 -4.15 -9.46 12.77
CA SER A 47 -4.06 -10.84 13.18
C SER A 47 -3.11 -11.65 12.29
N TYR A 48 -3.22 -11.44 10.97
CA TYR A 48 -2.31 -12.08 10.02
C TYR A 48 -0.85 -11.72 10.37
N LEU A 49 -0.56 -10.45 10.59
CA LEU A 49 0.82 -10.07 10.96
C LEU A 49 1.22 -10.64 12.31
N ASN A 50 0.29 -10.65 13.25
CA ASN A 50 0.59 -11.23 14.57
C ASN A 50 1.12 -12.66 14.45
N ASN A 51 0.46 -13.46 13.60
CA ASN A 51 0.86 -14.85 13.43
C ASN A 51 2.08 -15.06 12.53
N ASN A 52 2.31 -14.16 11.58
CA ASN A 52 3.31 -14.47 10.54
C ASN A 52 4.62 -13.69 10.60
N LEU A 53 4.60 -12.54 11.25
CA LEU A 53 5.77 -11.66 11.25
C LEU A 53 6.76 -12.11 12.34
N GLN A 54 7.82 -12.81 11.97
CA GLN A 54 8.75 -13.34 12.98
C GLN A 54 9.79 -12.30 13.43
N GLU A 55 10.34 -12.50 14.62
N GLU A 55 10.34 -12.50 14.62
CA GLU A 55 11.48 -11.70 15.06
CA GLU A 55 11.50 -11.71 15.06
C GLU A 55 12.55 -11.71 13.98
C GLU A 55 12.54 -11.70 13.95
N GLY A 56 13.11 -10.53 13.68
CA GLY A 56 14.15 -10.43 12.67
C GLY A 56 13.66 -10.20 11.24
N ALA A 58 11.14 -8.09 8.45
CA ALA A 58 10.85 -6.70 8.19
C ALA A 58 9.62 -6.54 7.32
N VAL A 59 8.98 -5.38 7.47
CA VAL A 59 7.80 -5.01 6.66
C VAL A 59 8.08 -3.67 5.96
N ALA A 60 7.94 -3.62 4.62
CA ALA A 60 8.02 -2.38 3.87
C ALA A 60 6.64 -1.75 3.96
N VAL A 61 6.54 -0.52 4.45
CA VAL A 61 5.26 0.05 4.83
C VAL A 61 4.92 1.27 3.96
N GLY A 62 3.73 1.27 3.34
CA GLY A 62 3.31 2.42 2.56
C GLY A 62 2.51 3.42 3.39
N GLN A 63 1.83 4.36 2.74
CA GLN A 63 1.25 5.45 3.50
C GLN A 63 -0.26 5.39 3.45
N GLY A 64 -0.90 6.30 4.16
CA GLY A 64 -2.34 6.47 3.99
C GLY A 64 -3.26 5.75 4.98
N GLN A 65 -4.57 6.00 4.82
CA GLN A 65 -5.54 5.55 5.82
C GLN A 65 -5.73 4.04 5.95
N ASN A 66 -5.66 3.30 4.83
CA ASN A 66 -5.85 1.84 4.93
C ASN A 66 -4.74 1.25 5.79
N VAL A 67 -3.50 1.65 5.50
CA VAL A 67 -2.33 1.12 6.23
C VAL A 67 -2.34 1.59 7.69
N ALA A 68 -2.70 2.86 7.90
CA ALA A 68 -2.68 3.42 9.26
C ALA A 68 -3.64 2.66 10.17
N ALA A 69 -4.77 2.22 9.60
CA ALA A 69 -5.76 1.46 10.39
C ALA A 69 -5.15 0.20 11.04
N VAL A 70 -4.15 -0.41 10.38
CA VAL A 70 -3.51 -1.63 10.94
C VAL A 70 -2.71 -1.24 12.18
N ALA A 71 -2.02 -0.11 12.11
CA ALA A 71 -1.24 0.34 13.26
C ALA A 71 -2.14 0.74 14.42
N ASP A 72 -3.34 1.23 14.09
CA ASP A 72 -4.25 1.74 15.10
C ASP A 72 -5.18 0.68 15.65
N HIS A 73 -5.16 -0.53 15.07
CA HIS A 73 -6.07 -1.56 15.54
C HIS A 73 -5.66 -1.98 16.95
N ALA A 74 -6.59 -1.98 17.88
CA ALA A 74 -6.23 -2.24 19.28
C ALA A 74 -6.36 -3.70 19.73
N GLY A 75 -5.94 -4.63 18.89
CA GLY A 75 -6.01 -6.03 19.27
C GLY A 75 -4.76 -6.47 20.03
N ILE A 76 -4.81 -7.68 20.58
CA ILE A 76 -3.65 -8.25 21.28
C ILE A 76 -2.70 -8.88 20.29
N VAL A 77 -1.44 -8.47 20.34
CA VAL A 77 -0.42 -9.11 19.54
C VAL A 77 0.77 -9.47 20.42
N THR A 78 1.42 -10.57 20.09
CA THR A 78 2.62 -10.98 20.79
C THR A 78 3.77 -10.04 20.43
N GLN A 79 4.65 -9.76 21.40
CA GLN A 79 5.76 -8.86 21.14
C GLN A 79 6.89 -9.61 20.42
N ARG A 80 7.40 -9.03 19.33
CA ARG A 80 8.54 -9.62 18.66
C ARG A 80 9.40 -8.54 18.04
N ASN A 81 10.69 -8.81 17.89
CA ASN A 81 11.60 -7.79 17.40
C ASN A 81 11.65 -7.72 15.87
N ALA A 82 10.60 -7.19 15.28
CA ALA A 82 10.53 -7.07 13.82
C ALA A 82 10.83 -5.63 13.43
N ARG A 83 11.04 -5.38 12.13
N ARG A 83 11.14 -5.40 12.16
CA ARG A 83 11.52 -4.07 11.68
CA ARG A 83 11.47 -4.05 11.72
C ARG A 83 10.55 -3.49 10.65
C ARG A 83 10.35 -3.56 10.81
N PHE A 84 10.07 -2.27 10.91
CA PHE A 84 9.09 -1.62 10.05
C PHE A 84 9.81 -0.50 9.29
N VAL A 85 9.90 -0.65 7.96
CA VAL A 85 10.73 0.22 7.13
C VAL A 85 9.85 1.05 6.20
N SER A 86 10.03 2.37 6.21
CA SER A 86 9.22 3.22 5.30
C SER A 86 9.55 2.94 3.86
N ALA A 87 8.52 2.76 3.03
CA ALA A 87 8.71 2.49 1.61
C ALA A 87 8.49 3.72 0.77
N ILE A 88 8.21 4.83 1.44
CA ILE A 88 7.93 6.09 0.75
C ILE A 88 8.36 7.19 1.72
N GLY A 89 8.77 8.32 1.20
CA GLY A 89 9.29 9.42 2.03
C GLY A 89 8.23 10.11 2.88
N GLY A 90 8.64 11.13 3.62
CA GLY A 90 7.74 11.77 4.56
C GLY A 90 6.99 12.97 4.02
N THR A 91 5.93 13.33 4.72
N THR A 91 5.90 13.34 4.65
CA THR A 91 5.08 14.45 4.35
CA THR A 91 5.25 14.56 4.21
C THR A 91 5.11 15.50 5.46
C THR A 91 5.02 15.49 5.40
N HIS A 92 4.98 16.79 5.11
CA HIS A 92 4.93 17.82 6.14
C HIS A 92 3.52 18.02 6.67
N ILE A 97 -2.65 13.47 4.88
CA ILE A 97 -1.97 12.21 4.60
C ILE A 97 -1.20 11.65 5.81
N ILE A 98 -1.50 10.41 6.17
CA ILE A 98 -0.76 9.77 7.27
C ILE A 98 0.56 9.16 6.73
N ASN A 99 1.64 9.68 7.18
CA ASN A 99 2.96 9.36 6.76
C ASN A 99 3.38 7.89 6.99
N ALA A 100 4.07 7.24 6.06
CA ALA A 100 4.53 5.90 6.31
C ALA A 100 5.44 5.83 7.55
N ASP A 101 6.27 6.86 7.74
CA ASP A 101 7.16 6.91 8.88
C ASP A 101 6.38 6.85 10.20
N HIS A 102 5.35 7.70 10.32
CA HIS A 102 4.51 7.68 11.53
C HIS A 102 3.88 6.30 11.74
N ILE A 103 3.37 5.72 10.67
CA ILE A 103 2.79 4.38 10.74
C ILE A 103 3.82 3.36 11.22
N CYS A 104 5.04 3.42 10.70
CA CYS A 104 6.07 2.45 11.12
C CYS A 104 6.34 2.62 12.61
N ARG A 105 6.42 3.85 13.06
CA ARG A 105 6.66 4.07 14.49
C ARG A 105 5.56 3.46 15.36
N ARG A 106 4.32 3.61 14.93
CA ARG A 106 3.18 3.06 15.68
C ARG A 106 3.16 1.53 15.62
N LEU A 107 3.46 0.99 14.46
CA LEU A 107 3.63 -0.47 14.30
C LEU A 107 4.74 -1.01 15.21
N ALA A 108 5.90 -0.34 15.23
CA ALA A 108 6.97 -0.81 16.12
C ALA A 108 6.54 -0.83 17.59
N LYS A 109 5.76 0.16 17.98
CA LYS A 109 5.33 0.19 19.36
C LYS A 109 4.38 -0.95 19.65
N LYS A 110 3.46 -1.18 18.73
CA LYS A 110 2.41 -2.21 18.85
C LYS A 110 2.97 -3.62 18.88
N TYR A 111 3.88 -3.92 17.93
CA TYR A 111 4.36 -5.29 17.74
C TYR A 111 5.63 -5.55 18.52
N GLY A 112 6.18 -4.49 19.11
CA GLY A 112 7.39 -4.62 19.89
C GLY A 112 8.72 -4.68 19.15
N GLY A 113 8.87 -3.97 18.05
CA GLY A 113 10.14 -3.94 17.34
C GLY A 113 10.72 -2.55 17.08
N SER A 114 11.23 -2.30 15.87
CA SER A 114 11.87 -1.03 15.55
C SER A 114 11.39 -0.46 14.24
N SER A 115 11.66 0.81 14.01
CA SER A 115 11.26 1.38 12.72
C SER A 115 12.45 2.01 12.06
N GLU A 116 12.40 2.11 10.74
N GLU A 116 12.46 2.02 10.74
CA GLU A 116 13.53 2.61 9.96
CA GLU A 116 13.54 2.65 10.00
C GLU A 116 13.04 3.68 8.97
C GLU A 116 12.89 3.73 9.14
N THR A 117 13.43 4.93 9.22
CA THR A 117 12.89 6.07 8.45
C THR A 117 13.57 6.21 7.08
N LEU A 118 12.78 6.59 6.06
CA LEU A 118 13.37 6.99 4.79
C LEU A 118 13.58 8.49 4.90
N TYR A 119 14.85 8.95 4.94
CA TYR A 119 15.17 10.38 5.13
C TYR A 119 15.07 11.20 3.86
N ALA A 120 13.85 11.29 3.31
CA ALA A 120 13.59 12.06 2.11
C ALA A 120 12.11 12.38 2.12
N PRO A 121 11.74 13.47 1.45
CA PRO A 121 10.29 13.73 1.37
C PRO A 121 9.59 12.72 0.43
N ALA A 122 8.29 12.56 0.63
CA ALA A 122 7.50 11.68 -0.25
C ALA A 122 7.42 12.24 -1.67
N TYR A 123 7.32 13.56 -1.80
CA TYR A 123 7.04 14.20 -3.09
C TYR A 123 8.04 15.27 -3.45
N VAL A 124 8.32 15.40 -4.75
CA VAL A 124 9.15 16.51 -5.22
C VAL A 124 8.47 17.06 -6.48
N ASN A 125 8.84 18.27 -6.88
N ASN A 125 8.85 18.29 -6.83
CA ASN A 125 8.18 18.91 -8.00
CA ASN A 125 8.24 19.00 -7.95
C ASN A 125 8.88 18.69 -9.35
C ASN A 125 8.76 18.54 -9.30
N ASP A 126 9.91 17.83 -9.35
N ASP A 126 9.94 17.93 -9.31
CA ASP A 126 10.75 17.66 -10.55
CA ASP A 126 10.67 17.64 -10.55
C ASP A 126 11.51 16.33 -10.48
C ASP A 126 11.42 16.31 -10.46
N PRO A 127 11.44 15.54 -11.55
CA PRO A 127 12.14 14.25 -11.55
C PRO A 127 13.66 14.41 -11.37
N SER A 128 14.24 15.56 -11.71
CA SER A 128 15.69 15.73 -11.43
C SER A 128 15.98 15.81 -9.95
N LEU A 129 15.05 16.38 -9.19
CA LEU A 129 15.23 16.43 -7.75
C LEU A 129 15.00 15.02 -7.20
N ARG A 130 14.01 14.30 -7.75
CA ARG A 130 13.80 12.90 -7.41
C ARG A 130 15.10 12.10 -7.58
N SER A 131 15.72 12.23 -8.74
CA SER A 131 16.91 11.45 -9.05
C SER A 131 18.02 11.77 -8.06
N ALA A 132 18.16 13.05 -7.73
CA ALA A 132 19.21 13.46 -6.79
C ALA A 132 19.03 12.82 -5.42
N PHE A 133 17.78 12.71 -4.95
CA PHE A 133 17.53 12.09 -3.67
C PHE A 133 17.73 10.58 -3.75
N GLU A 135 19.63 8.82 -5.62
N GLU A 135 19.62 8.84 -5.62
CA GLU A 135 21.01 8.39 -5.79
CA GLU A 135 21.03 8.44 -5.80
C GLU A 135 21.83 8.54 -4.49
C GLU A 135 21.86 8.62 -4.53
N HIS A 136 21.25 9.20 -3.50
CA HIS A 136 21.96 9.49 -2.26
C HIS A 136 22.12 8.23 -1.40
N ALA A 137 23.34 8.00 -0.90
CA ALA A 137 23.65 6.76 -0.18
C ALA A 137 22.69 6.48 1.01
N THR A 138 22.29 7.50 1.74
CA THR A 138 21.42 7.28 2.90
C THR A 138 20.01 6.81 2.47
N ILE A 139 19.51 7.38 1.37
CA ILE A 139 18.21 7.02 0.82
C ILE A 139 18.29 5.63 0.19
N LYS A 140 19.38 5.34 -0.52
CA LYS A 140 19.52 4.05 -1.19
C LYS A 140 19.58 2.92 -0.16
N GLU A 141 20.19 3.18 0.98
CA GLU A 141 20.34 2.13 1.97
C GLU A 141 18.98 1.73 2.52
N THR A 142 18.13 2.71 2.83
CA THR A 142 16.83 2.38 3.39
C THR A 142 15.95 1.71 2.35
N LEU A 143 15.99 2.23 1.12
CA LEU A 143 15.20 1.62 0.05
C LEU A 143 15.64 0.17 -0.18
N SER A 144 16.94 -0.08 -0.02
N SER A 144 16.94 -0.10 -0.03
CA SER A 144 17.48 -1.43 -0.13
CA SER A 144 17.42 -1.48 -0.14
C SER A 144 16.95 -2.34 0.99
C SER A 144 16.88 -2.36 0.99
N GLN A 145 16.82 -1.82 2.19
CA GLN A 145 16.22 -2.55 3.30
C GLN A 145 14.73 -2.86 3.03
N ALA A 146 14.04 -1.91 2.43
CA ALA A 146 12.61 -2.12 2.22
C ALA A 146 12.45 -3.16 1.11
N ARG A 147 13.35 -3.16 0.13
CA ARG A 147 13.24 -4.04 -1.04
C ARG A 147 13.44 -5.47 -0.59
N LYS A 148 14.24 -5.63 0.45
CA LYS A 148 14.61 -6.93 0.97
C LYS A 148 13.67 -7.40 2.08
N ALA A 149 12.53 -6.73 2.28
CA ALA A 149 11.61 -7.13 3.34
C ALA A 149 10.84 -8.39 2.97
N GLU A 150 10.47 -9.15 3.99
CA GLU A 150 9.62 -10.31 3.84
C GLU A 150 8.15 -9.93 3.50
N PHE A 151 7.68 -8.80 4.03
CA PHE A 151 6.30 -8.34 3.83
C PHE A 151 6.28 -6.92 3.30
N ALA A 152 5.17 -6.54 2.66
CA ALA A 152 4.89 -5.13 2.42
C ALA A 152 3.46 -4.89 2.88
N LEU A 153 3.19 -3.72 3.46
CA LEU A 153 1.84 -3.43 3.91
C LEU A 153 1.44 -2.16 3.13
N VAL A 154 0.54 -2.31 2.17
CA VAL A 154 0.23 -1.18 1.31
C VAL A 154 -1.26 -1.03 1.10
N GLY A 155 -1.70 0.19 0.83
CA GLY A 155 -3.10 0.40 0.50
C GLY A 155 -3.21 0.52 -1.00
N ILE A 156 -4.41 0.28 -1.54
CA ILE A 156 -4.62 0.51 -2.98
C ILE A 156 -5.48 1.77 -3.04
N GLY A 157 -4.97 2.83 -3.66
CA GLY A 157 -5.68 4.08 -3.64
C GLY A 157 -6.29 4.37 -4.99
N ASP A 158 -7.31 5.22 -5.02
N ASP A 158 -7.30 5.24 -5.01
CA ASP A 158 -7.81 5.71 -6.31
CA ASP A 158 -7.81 5.75 -6.26
C ASP A 158 -7.21 7.09 -6.58
C ASP A 158 -7.05 7.03 -6.64
N ASP A 160 -8.22 9.95 -6.77
N ASP A 160 -8.20 9.89 -6.74
CA ASP A 160 -8.65 10.98 -5.83
CA ASP A 160 -8.72 10.93 -5.85
C ASP A 160 -7.85 10.94 -4.54
C ASP A 160 -8.06 10.88 -4.47
N GLU A 161 -7.49 9.74 -4.10
CA GLU A 161 -6.76 9.60 -2.85
C GLU A 161 -5.37 10.23 -2.96
N ASN A 162 -4.87 10.33 -4.19
CA ASN A 162 -3.56 10.95 -4.42
C ASN A 162 -3.58 12.46 -4.67
N SER A 163 -4.77 13.02 -4.78
CA SER A 163 -4.94 14.44 -5.04
C SER A 163 -4.09 15.36 -4.16
N HIS A 164 -3.58 14.86 -3.03
CA HIS A 164 -2.70 15.68 -2.19
C HIS A 164 -1.40 16.09 -2.89
N VAL A 166 -1.28 17.18 -5.69
CA VAL A 166 -1.69 18.38 -6.36
C VAL A 166 -1.93 19.51 -5.37
N LYS A 167 -2.71 19.21 -4.33
CA LYS A 167 -3.04 20.24 -3.35
C LYS A 167 -1.79 20.75 -2.64
N LEU A 168 -0.75 19.91 -2.54
CA LEU A 168 0.51 20.33 -1.92
C LEU A 168 1.47 21.04 -2.90
N GLY A 169 1.09 21.13 -4.17
CA GLY A 169 1.85 21.91 -5.13
C GLY A 169 2.96 21.18 -5.89
N PHE A 170 2.96 19.85 -5.82
CA PHE A 170 4.03 19.10 -6.46
C PHE A 170 3.69 18.71 -7.92
N PHE A 171 2.41 18.83 -8.28
CA PHE A 171 1.93 18.35 -9.57
C PHE A 171 0.74 19.25 -9.92
N THR A 172 0.58 19.66 -11.17
CA THR A 172 -0.55 20.53 -11.53
C THR A 172 -1.86 19.73 -11.66
N PRO A 173 -3.00 20.39 -11.41
CA PRO A 173 -4.31 19.75 -11.69
C PRO A 173 -4.36 19.24 -13.13
N LYS A 174 -3.86 20.05 -14.06
CA LYS A 174 -3.85 19.65 -15.46
C LYS A 174 -3.05 18.35 -15.65
N GLU A 175 -1.86 18.28 -15.07
CA GLU A 175 -1.04 17.06 -15.13
C GLU A 175 -1.75 15.85 -14.53
N PHE A 176 -2.45 16.09 -13.42
CA PHE A 176 -3.20 15.03 -12.73
C PHE A 176 -4.32 14.43 -13.59
N VAL A 177 -5.13 15.28 -14.23
CA VAL A 177 -6.17 14.76 -15.07
C VAL A 177 -5.56 14.03 -16.23
N GLU A 178 -4.45 14.56 -16.76
CA GLU A 178 -3.75 13.92 -17.87
C GLU A 178 -3.12 12.56 -17.54
N ALA A 179 -2.65 12.38 -16.32
CA ALA A 179 -2.19 11.06 -15.87
C ALA A 179 -3.29 10.00 -16.00
N ARG A 180 -4.50 10.39 -15.61
CA ARG A 180 -5.64 9.50 -15.78
C ARG A 180 -6.06 9.32 -17.23
N LEU A 181 -6.20 10.42 -17.95
CA LEU A 181 -6.79 10.39 -19.27
C LEU A 181 -5.81 9.93 -20.36
N ASN A 182 -4.59 10.47 -20.35
CA ASN A 182 -3.61 10.15 -21.38
C ASN A 182 -2.88 8.85 -21.06
N ASP A 183 -2.47 8.73 -19.80
CA ASP A 183 -1.64 7.59 -19.41
C ASP A 183 -2.39 6.43 -18.79
N GLY A 184 -3.69 6.63 -18.55
CA GLY A 184 -4.56 5.55 -18.15
C GLY A 184 -4.39 5.07 -16.71
N ILE A 185 -3.80 5.90 -15.85
CA ILE A 185 -3.64 5.52 -14.43
C ILE A 185 -4.99 5.44 -13.76
N VAL A 186 -5.25 4.33 -13.09
CA VAL A 186 -6.50 4.21 -12.36
C VAL A 186 -6.29 4.04 -10.85
N GLY A 187 -5.05 3.87 -10.42
CA GLY A 187 -4.82 3.69 -8.99
C GLY A 187 -3.37 3.73 -8.60
N ASP A 188 -3.13 3.77 -7.28
CA ASP A 188 -1.77 3.65 -6.77
C ASP A 188 -1.71 2.49 -5.78
N ILE A 189 -0.50 2.02 -5.59
CA ILE A 189 -0.20 1.06 -4.53
C ILE A 189 0.85 1.63 -3.63
N GLY A 190 0.53 1.68 -2.33
CA GLY A 190 1.42 2.14 -1.29
C GLY A 190 1.68 3.64 -1.28
N GLY A 191 1.10 4.34 -2.24
CA GLY A 191 1.41 5.74 -2.47
C GLY A 191 2.53 6.00 -3.43
N PHE A 192 3.28 4.96 -3.77
CA PHE A 192 4.56 5.15 -4.45
C PHE A 192 4.64 4.68 -5.89
N ASP A 193 3.64 3.92 -6.35
CA ASP A 193 3.62 3.56 -7.78
C ASP A 193 2.18 3.42 -8.28
N PHE A 194 2.05 3.48 -9.59
CA PHE A 194 0.75 3.73 -10.22
C PHE A 194 0.55 2.73 -11.34
N PHE A 195 -0.69 2.35 -11.59
CA PHE A 195 -0.96 1.33 -12.59
C PHE A 195 -2.20 1.63 -13.44
N LYS A 196 -2.33 0.93 -14.57
CA LYS A 196 -3.49 1.05 -15.44
C LYS A 196 -4.48 -0.04 -15.11
N LEU A 197 -5.66 0.05 -15.70
CA LEU A 197 -6.69 -0.95 -15.39
C LEU A 197 -6.28 -2.36 -15.80
N ASP A 198 -5.44 -2.48 -16.82
CA ASP A 198 -4.96 -3.78 -17.28
C ASP A 198 -3.74 -4.31 -16.49
N GLY A 199 -3.28 -3.55 -15.49
CA GLY A 199 -2.24 -4.01 -14.60
C GLY A 199 -0.83 -3.73 -15.06
N THR A 200 -0.69 -3.10 -16.22
CA THR A 200 0.62 -2.71 -16.68
C THR A 200 1.04 -1.40 -15.99
N ASP A 201 2.34 -1.20 -15.85
CA ASP A 201 2.88 0.05 -15.37
C ASP A 201 2.77 1.06 -16.48
N ALA A 202 2.10 2.17 -16.21
CA ALA A 202 2.05 3.22 -17.20
C ALA A 202 3.19 4.16 -16.92
N ASP A 203 4.01 4.43 -17.93
CA ASP A 203 4.88 5.58 -17.88
C ASP A 203 3.97 6.75 -17.57
N THR A 204 4.04 7.26 -16.35
CA THR A 204 3.29 8.48 -16.04
C THR A 204 4.24 9.50 -15.41
N LEU A 205 3.97 10.79 -15.65
CA LEU A 205 4.74 11.85 -14.99
C LEU A 205 4.64 11.79 -13.48
N ARG A 207 4.94 9.45 -11.18
N ARG A 207 5.02 9.34 -11.45
CA ARG A 207 5.94 8.74 -10.41
CA ARG A 207 6.05 8.49 -10.85
C ARG A 207 7.26 9.51 -10.39
C ARG A 207 7.28 9.35 -10.57
N GLY A 208 7.47 10.38 -11.39
CA GLY A 208 8.62 11.26 -11.34
C GLY A 208 8.57 12.25 -10.17
N ARG A 209 7.43 12.30 -9.47
CA ARG A 209 7.28 13.23 -8.36
C ARG A 209 7.27 12.52 -7.00
N VAL A 210 7.58 11.21 -6.97
N VAL A 210 7.54 11.22 -6.96
CA VAL A 210 7.48 10.43 -5.73
CA VAL A 210 7.52 10.53 -5.68
C VAL A 210 8.80 9.75 -5.41
C VAL A 210 8.82 9.81 -5.40
N ILE A 211 9.18 9.76 -4.13
CA ILE A 211 10.37 9.07 -3.70
C ILE A 211 9.99 7.86 -2.87
N GLY A 212 10.28 6.67 -3.38
CA GLY A 212 9.93 5.46 -2.64
C GLY A 212 10.19 4.27 -3.50
N LEU A 213 9.71 3.10 -3.08
CA LEU A 213 9.78 1.88 -3.91
C LEU A 213 9.00 1.95 -5.22
N GLU A 214 9.22 0.97 -6.09
CA GLU A 214 8.46 0.86 -7.34
C GLU A 214 7.84 -0.52 -7.50
N GLU A 216 8.30 -3.03 -9.49
CA GLU A 216 9.20 -4.18 -9.58
C GLU A 216 9.75 -4.64 -8.22
N ASP A 217 9.90 -3.70 -7.28
CA ASP A 217 10.31 -4.08 -5.93
C ASP A 217 9.22 -4.89 -5.29
N LEU A 218 7.96 -4.44 -5.42
CA LEU A 218 6.87 -5.19 -4.82
C LEU A 218 6.78 -6.58 -5.46
N ARG A 219 7.14 -6.71 -6.72
CA ARG A 219 6.99 -8.00 -7.39
C ARG A 219 7.90 -9.05 -6.73
N GLN A 220 9.02 -8.61 -6.18
N GLN A 220 9.00 -8.61 -6.14
CA GLN A 220 9.96 -9.54 -5.54
CA GLN A 220 9.95 -9.54 -5.53
C GLN A 220 9.91 -9.55 -4.00
C GLN A 220 9.86 -9.62 -4.01
N ILE A 221 8.92 -8.91 -3.40
CA ILE A 221 8.71 -9.01 -1.95
C ILE A 221 7.80 -10.23 -1.74
N PRO A 222 8.20 -11.17 -0.85
CA PRO A 222 7.44 -12.43 -0.76
C PRO A 222 5.97 -12.27 -0.34
N ASN A 223 5.65 -11.29 0.50
CA ASN A 223 4.31 -11.20 1.03
C ASN A 223 3.77 -9.78 1.00
N VAL A 224 3.27 -9.38 -0.17
CA VAL A 224 2.68 -8.05 -0.35
C VAL A 224 1.24 -8.14 0.12
N VAL A 225 0.95 -7.42 1.19
CA VAL A 225 -0.39 -7.40 1.76
C VAL A 225 -1.02 -6.08 1.34
N ALA A 226 -2.09 -6.17 0.57
CA ALA A 226 -2.70 -4.97 -0.01
C ALA A 226 -4.11 -4.84 0.53
N ALA A 228 -7.86 -2.59 0.69
CA ALA A 228 -8.79 -1.55 0.23
C ALA A 228 -10.16 -1.84 0.80
N SER A 229 -10.94 -0.82 1.12
N SER A 229 -10.92 -0.79 1.11
CA SER A 229 -12.24 -1.09 1.75
CA SER A 229 -12.16 -0.93 1.86
C SER A 229 -13.45 -0.69 0.92
C SER A 229 -13.37 -0.25 1.19
N GLU A 230 -13.22 0.18 -0.05
CA GLU A 230 -14.34 0.85 -0.73
C GLU A 230 -14.69 0.20 -2.05
N SER A 231 -15.88 -0.39 -2.14
CA SER A 231 -16.27 -1.06 -3.38
C SER A 231 -16.40 -0.10 -4.58
N ARG A 232 -16.63 1.17 -4.32
N ARG A 232 -16.65 1.17 -4.32
CA ARG A 232 -16.68 2.14 -5.41
CA ARG A 232 -16.68 2.15 -5.41
C ARG A 232 -15.30 2.29 -6.07
C ARG A 232 -15.30 2.29 -6.06
N LYS A 233 -14.26 1.76 -5.39
CA LYS A 233 -12.88 1.82 -5.90
C LYS A 233 -12.47 0.47 -6.50
N ALA A 234 -13.48 -0.33 -6.84
CA ALA A 234 -13.20 -1.66 -7.39
C ALA A 234 -12.34 -1.62 -8.66
N LEU A 235 -12.48 -0.60 -9.52
CA LEU A 235 -11.60 -0.56 -10.68
C LEU A 235 -10.10 -0.45 -10.30
N SER A 236 -9.80 0.37 -9.29
CA SER A 236 -8.43 0.47 -8.81
C SER A 236 -7.93 -0.84 -8.23
N ILE A 237 -8.79 -1.53 -7.51
CA ILE A 237 -8.40 -2.78 -6.86
C ILE A 237 -8.15 -3.83 -7.94
N GLY A 239 -7.21 -3.21 -11.11
CA GLY A 239 -5.94 -2.83 -11.72
C GLY A 239 -4.76 -3.34 -10.89
N ALA A 240 -4.83 -3.15 -9.59
CA ALA A 240 -3.77 -3.57 -8.70
C ALA A 240 -3.56 -5.09 -8.72
N LEU A 241 -4.66 -5.84 -8.67
CA LEU A 241 -4.56 -7.29 -8.76
C LEU A 241 -3.93 -7.71 -10.07
N ARG A 242 -4.24 -6.99 -11.14
CA ARG A 242 -3.70 -7.35 -12.45
C ARG A 242 -2.19 -7.14 -12.56
N THR A 243 -1.58 -6.36 -11.66
CA THR A 243 -0.13 -6.14 -11.76
C THR A 243 0.61 -7.41 -11.41
N GLY A 244 -0.07 -8.29 -10.67
CA GLY A 244 0.51 -9.55 -10.24
C GLY A 244 1.33 -9.47 -8.96
N VAL A 245 1.47 -8.29 -8.36
CA VAL A 245 2.38 -8.21 -7.21
C VAL A 245 1.76 -8.57 -5.87
N ILE A 246 0.44 -8.68 -5.81
CA ILE A 246 -0.21 -8.85 -4.51
C ILE A 246 -0.25 -10.29 -4.07
N ASP A 247 0.14 -10.55 -2.82
CA ASP A 247 0.06 -11.90 -2.29
C ASP A 247 -1.11 -12.12 -1.32
N VAL A 248 -1.41 -11.10 -0.52
CA VAL A 248 -2.52 -11.20 0.41
C VAL A 248 -3.46 -10.00 0.19
N LEU A 249 -4.72 -10.26 -0.13
CA LEU A 249 -5.65 -9.18 -0.39
C LEU A 249 -6.59 -9.10 0.79
N ALA A 250 -6.70 -7.93 1.42
CA ALA A 250 -7.62 -7.78 2.52
C ALA A 250 -8.67 -6.72 2.09
N THR A 251 -9.94 -7.11 2.07
N THR A 251 -9.94 -7.06 2.17
CA THR A 251 -11.00 -6.22 1.58
CA THR A 251 -10.97 -6.18 1.62
C THR A 251 -12.33 -6.56 2.22
C THR A 251 -12.33 -6.63 2.14
N SER A 252 -13.39 -6.01 1.64
CA SER A 252 -14.76 -6.26 2.14
C SER A 252 -15.48 -7.31 1.28
N VAL A 253 -16.62 -7.85 1.77
CA VAL A 253 -17.42 -8.76 0.98
C VAL A 253 -17.83 -8.12 -0.35
N SER A 254 -18.36 -6.90 -0.30
CA SER A 254 -18.77 -6.24 -1.57
C SER A 254 -17.63 -6.06 -2.57
N CYS A 255 -16.44 -5.67 -2.09
CA CYS A 255 -15.29 -5.58 -3.01
C CYS A 255 -15.00 -6.94 -3.62
N ALA A 256 -15.02 -7.99 -2.80
CA ALA A 256 -14.73 -9.32 -3.29
C ALA A 256 -15.72 -9.73 -4.38
N ALA A 258 -17.44 -7.74 -6.27
CA ALA A 258 -17.17 -6.89 -7.44
C ALA A 258 -16.02 -7.43 -8.30
N LEU A 259 -14.95 -7.87 -7.62
CA LEU A 259 -13.74 -8.40 -8.28
C LEU A 259 -14.05 -9.68 -9.03
N LEU A 260 -14.84 -10.57 -8.41
CA LEU A 260 -15.20 -11.84 -9.04
C LEU A 260 -16.11 -11.60 -10.23
N ASN A 261 -17.03 -10.65 -10.10
CA ASN A 261 -17.85 -10.25 -11.23
C ASN A 261 -17.05 -9.66 -12.38
N LEU A 262 -16.12 -8.75 -12.07
CA LEU A 262 -15.30 -8.13 -13.09
C LEU A 262 -14.45 -9.19 -13.82
N ALA A 263 -13.91 -10.14 -13.06
CA ALA A 263 -13.07 -11.20 -13.64
C ALA A 263 -13.87 -12.16 -14.51
N GLU A 264 -15.05 -12.56 -14.04
CA GLU A 264 -15.90 -13.47 -14.80
C GLU A 264 -16.31 -12.82 -16.10
N ASN A 265 -16.53 -11.51 -16.06
CA ASN A 265 -17.05 -10.79 -17.21
C ASN A 265 -16.04 -9.91 -17.92
#